data_3GH3
#
_entry.id   3GH3
#
_cell.length_a   47.483
_cell.length_b   80.879
_cell.length_c   151.790
_cell.angle_alpha   90.00
_cell.angle_beta   90.00
_cell.angle_gamma   90.00
#
_symmetry.space_group_name_H-M   'P 21 21 21'
#
loop_
_entity.id
_entity.type
_entity.pdbx_description
1 polymer 'Ecto-NAD+ glycohydrolase (CD38 molecule)'
2 branched 2-acetamido-2-deoxy-beta-D-glucopyranose-(1-4)-2-acetamido-2-deoxy-beta-D-glucopyranose
3 non-polymer 'SULFATE ION'
4 non-polymer 'CACODYLATE ION'
5 water water
#
_entity_poly.entity_id   1
_entity_poly.type   'polypeptide(L)'
_entity_poly.pdbx_seq_one_letter_code
;YKWHYSGLNRWHGAGSTADFQKIIQERCDTYTQTIRPGSRSRNCQAIRQAFMSAFISKDPCKATKEDYNSLINLAPPTVP
CGQQVFWSKTKELAHEYAKRRRLMTLEDTLLGYLADGLRWCGEPGSSDLNIWSCPDWRKDCRTNYLSVFWEVLSERFAES
ACNTVRVVLNGSLENAFDSMSIFGRVEAPNLRPQVELEAWLVHDTGKPPSDSCSGSSIRKLKSILDGRNVKFRCMDNLSR
DQFLQRS
;
_entity_poly.pdbx_strand_id   A,B
#
loop_
_chem_comp.id
_chem_comp.type
_chem_comp.name
_chem_comp.formula
CAC non-polymer 'CACODYLATE ION' 'C2 H6 As O2 -1'
NAG D-saccharide, beta linking 2-acetamido-2-deoxy-beta-D-glucopyranose 'C8 H15 N O6'
SO4 non-polymer 'SULFATE ION' 'O4 S -2'
#
# COMPACT_ATOMS: atom_id res chain seq x y z
N TYR A 5 7.97 40.85 -2.80
CA TYR A 5 7.30 39.69 -2.21
C TYR A 5 5.81 39.94 -1.96
N SER A 6 5.07 40.24 -3.03
CA SER A 6 3.60 40.35 -2.94
C SER A 6 2.90 39.59 -4.07
N GLY A 7 1.60 39.32 -3.86
CA GLY A 7 0.82 38.58 -4.83
C GLY A 7 1.48 37.25 -5.15
N LEU A 8 1.37 36.82 -6.41
CA LEU A 8 1.87 35.51 -6.80
C LEU A 8 3.37 35.39 -6.53
N ASN A 9 4.04 36.52 -6.40
CA ASN A 9 5.48 36.49 -6.26
C ASN A 9 5.94 36.55 -4.81
N ARG A 10 5.00 36.28 -3.90
CA ARG A 10 5.24 36.50 -2.47
C ARG A 10 6.12 35.45 -1.79
N TRP A 11 6.25 34.28 -2.41
CA TRP A 11 7.02 33.20 -1.80
C TRP A 11 8.53 33.34 -2.03
N HIS A 12 9.33 32.62 -1.25
CA HIS A 12 10.78 32.68 -1.34
C HIS A 12 11.42 31.61 -2.22
N GLY A 13 10.65 30.60 -2.62
CA GLY A 13 11.20 29.55 -3.44
C GLY A 13 10.95 29.78 -4.91
N ALA A 14 11.65 29.02 -5.75
CA ALA A 14 11.40 29.09 -7.19
C ALA A 14 9.93 28.80 -7.44
N GLY A 15 9.42 29.34 -8.55
CA GLY A 15 8.04 29.09 -8.92
C GLY A 15 7.91 27.69 -9.50
N SER A 16 6.69 27.33 -9.89
CA SER A 16 6.44 25.99 -10.43
C SER A 16 7.26 25.75 -11.67
N THR A 17 7.67 24.51 -11.87
CA THR A 17 8.34 24.13 -13.10
C THR A 17 7.50 24.65 -14.27
N ALA A 18 8.13 25.45 -15.13
CA ALA A 18 7.42 25.98 -16.29
C ALA A 18 6.99 24.79 -17.16
N ASP A 19 5.71 24.75 -17.53
CA ASP A 19 5.18 23.72 -18.42
C ASP A 19 4.89 22.41 -17.68
N PHE A 20 4.78 22.51 -16.35
CA PHE A 20 4.57 21.38 -15.47
C PHE A 20 3.52 20.40 -15.96
N GLN A 21 2.35 20.91 -16.34
CA GLN A 21 1.28 20.03 -16.76
C GLN A 21 1.66 19.17 -17.97
N LYS A 22 2.37 19.76 -18.92
CA LYS A 22 2.71 19.00 -20.10
C LYS A 22 3.79 17.99 -19.77
N ILE A 23 4.66 18.36 -18.84
CA ILE A 23 5.75 17.48 -18.46
C ILE A 23 5.19 16.21 -17.84
N ILE A 24 4.23 16.35 -16.94
CA ILE A 24 3.73 15.17 -16.27
C ILE A 24 2.91 14.26 -17.18
N GLN A 25 2.18 14.82 -18.13
CA GLN A 25 1.45 13.93 -19.02
C GLN A 25 2.40 13.24 -20.01
N GLU A 26 3.44 13.95 -20.48
CA GLU A 26 4.49 13.34 -21.29
C GLU A 26 5.14 12.19 -20.52
N ARG A 27 5.54 12.45 -19.28
CA ARG A 27 6.19 11.43 -18.46
C ARG A 27 5.28 10.23 -18.19
N CYS A 28 4.00 10.47 -17.99
CA CYS A 28 3.09 9.37 -17.73
C CYS A 28 3.00 8.45 -18.95
N ASP A 29 2.91 9.03 -20.15
CA ASP A 29 2.90 8.24 -21.38
C ASP A 29 4.18 7.39 -21.53
N THR A 30 5.33 8.02 -21.32
CA THR A 30 6.62 7.33 -21.41
C THR A 30 6.67 6.18 -20.41
N TYR A 31 6.34 6.47 -19.16
CA TYR A 31 6.35 5.43 -18.13
C TYR A 31 5.46 4.23 -18.44
N THR A 32 4.20 4.50 -18.74
CA THR A 32 3.21 3.44 -18.91
C THR A 32 3.32 2.68 -20.24
N GLN A 33 3.91 3.30 -21.23
CA GLN A 33 4.00 2.67 -22.54
C GLN A 33 5.38 2.09 -22.83
N THR A 34 6.41 2.85 -22.50
CA THR A 34 7.77 2.53 -22.91
C THR A 34 8.61 1.90 -21.81
N ILE A 35 8.57 2.50 -20.63
CA ILE A 35 9.49 2.12 -19.54
CA ILE A 35 9.48 2.12 -19.53
C ILE A 35 9.00 0.92 -18.72
N ARG A 36 7.82 1.05 -18.11
CA ARG A 36 7.28 -0.01 -17.26
C ARG A 36 5.80 -0.25 -17.51
N PRO A 37 5.46 -0.69 -18.73
CA PRO A 37 4.06 -1.05 -19.03
C PRO A 37 3.55 -2.11 -18.06
N GLY A 38 2.35 -1.90 -17.54
CA GLY A 38 1.82 -2.71 -16.44
C GLY A 38 0.87 -3.81 -16.89
N SER A 39 0.22 -4.47 -15.93
CA SER A 39 -0.68 -5.56 -16.28
C SER A 39 -1.96 -5.03 -16.96
N ARG A 40 -2.49 -3.93 -16.45
CA ARG A 40 -3.66 -3.31 -17.05
C ARG A 40 -3.31 -1.90 -17.49
N SER A 41 -4.08 -1.35 -18.42
CA SER A 41 -3.80 -0.03 -18.90
C SER A 41 -4.13 1.00 -17.83
N ARG A 42 -3.35 2.08 -17.81
CA ARG A 42 -3.66 3.22 -16.96
C ARG A 42 -4.03 4.37 -17.88
N ASN A 43 -4.96 5.22 -17.44
CA ASN A 43 -5.25 6.40 -18.23
C ASN A 43 -4.45 7.59 -17.74
N CYS A 44 -3.48 8.03 -18.52
CA CYS A 44 -2.62 9.12 -18.09
C CYS A 44 -3.35 10.46 -17.98
N GLN A 45 -4.39 10.65 -18.79
CA GLN A 45 -5.17 11.86 -18.66
C GLN A 45 -5.76 11.94 -17.24
N ALA A 46 -6.31 10.85 -16.76
CA ALA A 46 -6.96 10.81 -15.44
C ALA A 46 -5.96 10.95 -14.32
N ILE A 47 -4.78 10.38 -14.49
CA ILE A 47 -3.72 10.51 -13.49
C ILE A 47 -3.27 11.97 -13.41
N ARG A 48 -3.08 12.59 -14.57
CA ARG A 48 -2.66 13.98 -14.58
C ARG A 48 -3.74 14.84 -13.93
N GLN A 49 -5.00 14.54 -14.21
CA GLN A 49 -6.11 15.30 -13.63
C GLN A 49 -6.14 15.18 -12.11
N ALA A 50 -5.89 13.98 -11.60
CA ALA A 50 -5.87 13.77 -10.16
C ALA A 50 -4.70 14.51 -9.51
N PHE A 51 -3.56 14.52 -10.19
CA PHE A 51 -2.38 15.24 -9.67
C PHE A 51 -2.70 16.73 -9.55
N MET A 52 -3.23 17.32 -10.62
CA MET A 52 -3.57 18.73 -10.62
C MET A 52 -4.59 19.04 -9.50
N SER A 53 -5.64 18.22 -9.42
CA SER A 53 -6.76 18.46 -8.50
C SER A 53 -6.30 18.47 -7.05
N ALA A 54 -5.23 17.73 -6.75
CA ALA A 54 -4.74 17.66 -5.38
C ALA A 54 -4.33 19.03 -4.84
N PHE A 55 -3.79 19.90 -5.70
CA PHE A 55 -3.18 21.16 -5.22
C PHE A 55 -3.69 22.44 -5.91
N ILE A 56 -4.36 22.30 -7.04
CA ILE A 56 -4.74 23.52 -7.79
C ILE A 56 -5.78 24.33 -7.03
N SER A 57 -5.64 25.64 -7.12
CA SER A 57 -6.59 26.58 -6.51
C SER A 57 -6.68 26.48 -4.99
N LYS A 58 -5.62 26.00 -4.34
CA LYS A 58 -5.59 25.93 -2.89
C LYS A 58 -4.45 26.75 -2.29
N ASP A 59 -4.57 27.09 -1.01
CA ASP A 59 -3.50 27.77 -0.29
C ASP A 59 -2.24 26.89 -0.30
N PRO A 60 -1.15 27.37 -0.90
CA PRO A 60 0.08 26.57 -1.04
C PRO A 60 0.85 26.32 0.25
N CYS A 61 0.42 26.90 1.36
CA CYS A 61 1.07 26.67 2.64
C CYS A 61 0.16 25.94 3.61
N LYS A 62 -0.93 25.38 3.09
CA LYS A 62 -1.85 24.60 3.90
C LYS A 62 -2.01 23.16 3.39
N ALA A 63 -0.99 22.66 2.68
CA ALA A 63 -1.06 21.29 2.16
C ALA A 63 -1.12 20.26 3.30
N THR A 64 -1.96 19.24 3.14
CA THR A 64 -1.99 18.09 4.04
C THR A 64 -1.86 16.77 3.26
N LYS A 65 -1.37 15.72 3.93
CA LYS A 65 -1.19 14.40 3.30
C LYS A 65 -2.46 13.85 2.65
N GLU A 66 -3.59 14.06 3.32
CA GLU A 66 -4.90 13.66 2.82
C GLU A 66 -5.23 14.20 1.41
N ASP A 67 -4.68 15.36 1.07
CA ASP A 67 -4.95 15.97 -0.24
C ASP A 67 -4.47 15.08 -1.38
N TYR A 68 -3.54 14.18 -1.05
CA TYR A 68 -2.99 13.26 -2.06
C TYR A 68 -3.59 11.83 -2.00
N ASN A 69 -4.59 11.61 -1.14
CA ASN A 69 -5.17 10.27 -1.01
C ASN A 69 -5.60 9.68 -2.37
N SER A 70 -6.34 10.46 -3.15
CA SER A 70 -6.86 9.96 -4.42
C SER A 70 -5.74 9.59 -5.38
N LEU A 71 -4.77 10.49 -5.51
CA LEU A 71 -3.64 10.27 -6.41
C LEU A 71 -2.85 9.01 -6.05
N ILE A 72 -2.53 8.85 -4.77
CA ILE A 72 -1.76 7.70 -4.33
C ILE A 72 -2.53 6.37 -4.47
N ASN A 73 -3.83 6.40 -4.19
CA ASN A 73 -4.63 5.20 -4.43
C ASN A 73 -4.66 4.83 -5.90
N LEU A 74 -4.54 5.82 -6.78
CA LEU A 74 -4.55 5.51 -8.21
C LEU A 74 -3.26 4.79 -8.64
N ALA A 75 -2.14 5.11 -8.01
CA ALA A 75 -0.88 4.51 -8.40
C ALA A 75 0.09 4.36 -7.23
N PRO A 76 -0.16 3.36 -6.37
CA PRO A 76 0.70 3.11 -5.20
C PRO A 76 2.10 2.73 -5.67
N PRO A 77 3.13 3.24 -4.98
CA PRO A 77 4.54 3.04 -5.30
C PRO A 77 5.04 1.67 -4.86
N THR A 78 4.44 0.63 -5.42
CA THR A 78 4.76 -0.77 -5.09
C THR A 78 5.93 -1.36 -5.91
N VAL A 79 6.82 -2.05 -5.21
CA VAL A 79 8.02 -2.66 -5.79
C VAL A 79 8.07 -4.13 -5.34
N PRO A 80 8.57 -5.01 -6.21
CA PRO A 80 8.71 -6.42 -5.78
C PRO A 80 9.61 -6.55 -4.57
N CYS A 81 9.38 -7.58 -3.77
CA CYS A 81 10.22 -7.81 -2.61
C CYS A 81 11.66 -7.94 -3.06
N GLY A 82 12.57 -7.40 -2.24
CA GLY A 82 14.00 -7.53 -2.49
C GLY A 82 14.58 -6.59 -3.54
N GLN A 83 13.77 -5.68 -4.06
CA GLN A 83 14.21 -4.89 -5.20
C GLN A 83 14.20 -3.38 -4.96
N GLN A 84 13.89 -2.99 -3.73
CA GLN A 84 13.84 -1.56 -3.40
C GLN A 84 15.18 -0.94 -3.01
N VAL A 85 15.43 0.27 -3.52
CA VAL A 85 16.65 1.01 -3.20
C VAL A 85 16.26 2.36 -2.63
N PHE A 86 16.73 2.63 -1.41
CA PHE A 86 16.64 3.95 -0.81
C PHE A 86 17.97 4.70 -1.01
N TRP A 87 17.96 6.01 -0.87
CA TRP A 87 19.17 6.79 -1.07
C TRP A 87 19.06 8.14 -0.40
N SER A 88 20.20 8.76 -0.13
CA SER A 88 20.20 10.06 0.52
C SER A 88 21.53 10.72 0.18
N LYS A 89 21.46 11.86 -0.50
CA LYS A 89 22.64 12.64 -0.91
C LYS A 89 23.53 11.90 -1.91
N THR A 90 22.95 10.94 -2.61
CA THR A 90 23.68 10.10 -3.56
C THR A 90 22.89 9.91 -4.86
N LYS A 91 22.08 10.90 -5.20
CA LYS A 91 21.07 10.74 -6.25
C LYS A 91 21.59 10.08 -7.52
N GLU A 92 22.64 10.64 -8.10
CA GLU A 92 23.19 10.15 -9.35
C GLU A 92 23.66 8.70 -9.23
N LEU A 93 24.49 8.46 -8.21
CA LEU A 93 25.06 7.14 -7.96
C LEU A 93 23.98 6.10 -7.70
N ALA A 94 23.01 6.47 -6.88
CA ALA A 94 21.99 5.53 -6.46
C ALA A 94 21.16 5.10 -7.66
N HIS A 95 20.83 6.05 -8.53
CA HIS A 95 20.03 5.73 -9.70
C HIS A 95 20.80 4.92 -10.75
N GLU A 96 22.10 5.18 -10.89
CA GLU A 96 22.95 4.37 -11.77
C GLU A 96 23.06 2.92 -11.28
N TYR A 97 23.30 2.75 -9.99
CA TYR A 97 23.32 1.44 -9.34
C TYR A 97 22.01 0.69 -9.57
N ALA A 98 20.88 1.35 -9.32
CA ALA A 98 19.59 0.67 -9.47
C ALA A 98 19.33 0.28 -10.92
N LYS A 99 19.71 1.13 -11.86
CA LYS A 99 19.52 0.84 -13.27
C LYS A 99 20.33 -0.40 -13.65
N ARG A 100 21.60 -0.42 -13.28
CA ARG A 100 22.46 -1.55 -13.63
C ARG A 100 22.01 -2.87 -13.05
N ARG A 101 21.46 -2.82 -11.83
CA ARG A 101 21.07 -4.04 -11.13
C ARG A 101 19.61 -4.36 -11.32
N ARG A 102 18.91 -3.54 -12.09
CA ARG A 102 17.49 -3.78 -12.35
C ARG A 102 16.69 -3.74 -11.04
N LEU A 103 16.96 -2.72 -10.23
CA LEU A 103 16.25 -2.49 -8.99
C LEU A 103 15.37 -1.25 -9.15
N MET A 104 14.61 -0.88 -8.12
CA MET A 104 13.76 0.30 -8.19
C MET A 104 13.99 1.28 -7.04
N THR A 105 14.30 2.53 -7.39
CA THR A 105 14.26 3.64 -6.44
C THR A 105 12.84 4.21 -6.47
N LEU A 106 12.54 5.15 -5.57
CA LEU A 106 11.23 5.78 -5.55
C LEU A 106 10.93 6.47 -6.88
N GLU A 107 11.98 7.01 -7.51
CA GLU A 107 11.84 7.71 -8.79
C GLU A 107 11.62 6.73 -9.96
N ASP A 108 11.60 5.44 -9.68
CA ASP A 108 11.23 4.44 -10.67
C ASP A 108 9.78 3.94 -10.53
N THR A 109 9.06 4.44 -9.53
CA THR A 109 7.62 4.17 -9.45
C THR A 109 6.91 5.19 -10.30
N LEU A 110 5.64 4.94 -10.62
CA LEU A 110 4.92 5.85 -11.53
C LEU A 110 4.90 7.30 -11.02
N LEU A 111 4.43 7.49 -9.79
CA LEU A 111 4.33 8.84 -9.23
C LEU A 111 5.70 9.48 -9.01
N GLY A 112 6.67 8.67 -8.57
CA GLY A 112 8.01 9.20 -8.36
C GLY A 112 8.62 9.66 -9.67
N TYR A 113 8.37 8.92 -10.72
CA TYR A 113 8.90 9.26 -12.05
C TYR A 113 8.24 10.53 -12.60
N LEU A 114 6.92 10.62 -12.43
CA LEU A 114 6.21 11.86 -12.80
C LEU A 114 6.83 13.11 -12.16
N ALA A 115 7.07 13.06 -10.84
CA ALA A 115 7.37 14.28 -10.08
C ALA A 115 8.85 14.57 -9.94
N ASP A 116 9.69 13.59 -10.25
CA ASP A 116 11.11 13.73 -10.00
C ASP A 116 11.65 15.04 -10.57
N GLY A 117 12.24 15.85 -9.69
CA GLY A 117 12.91 17.08 -10.08
C GLY A 117 12.02 18.27 -10.36
N LEU A 118 10.72 18.11 -10.20
CA LEU A 118 9.77 19.19 -10.49
C LEU A 118 9.37 20.02 -9.27
N ARG A 119 8.76 21.18 -9.54
CA ARG A 119 8.21 22.04 -8.49
C ARG A 119 6.81 22.42 -8.90
N TRP A 120 5.93 22.53 -7.92
CA TRP A 120 4.57 22.94 -8.20
C TRP A 120 3.90 23.57 -6.97
N CYS A 121 2.99 24.50 -7.25
CA CYS A 121 2.10 25.09 -6.24
C CYS A 121 1.03 25.85 -6.99
N GLY A 122 -0.10 26.08 -6.33
CA GLY A 122 -1.19 26.83 -6.91
C GLY A 122 -1.46 28.09 -6.11
N GLU A 123 -2.67 28.62 -6.29
CA GLU A 123 -3.06 29.88 -5.65
C GLU A 123 -4.55 29.83 -5.43
N PRO A 124 -5.01 30.15 -4.21
CA PRO A 124 -6.44 30.06 -3.92
C PRO A 124 -7.24 30.85 -4.94
N GLY A 125 -8.37 30.29 -5.37
CA GLY A 125 -9.25 30.97 -6.32
C GLY A 125 -8.70 31.16 -7.72
N SER A 126 -7.71 30.35 -8.08
CA SER A 126 -7.12 30.41 -9.40
C SER A 126 -6.90 28.99 -9.92
N SER A 127 -7.09 28.79 -11.21
CA SER A 127 -6.96 27.46 -11.78
C SER A 127 -5.57 27.24 -12.40
N ASP A 128 -4.71 28.25 -12.28
CA ASP A 128 -3.38 28.20 -12.86
C ASP A 128 -2.30 27.83 -11.84
N LEU A 129 -1.26 27.16 -12.33
CA LEU A 129 -0.06 26.95 -11.53
C LEU A 129 0.64 28.29 -11.33
N ASN A 130 1.19 28.50 -10.15
CA ASN A 130 1.94 29.71 -9.86
C ASN A 130 3.35 29.59 -10.41
N ILE A 131 3.64 30.27 -11.51
CA ILE A 131 5.00 30.21 -12.05
C ILE A 131 5.93 31.32 -11.55
N TRP A 132 5.39 32.21 -10.72
CA TRP A 132 6.18 33.30 -10.15
C TRP A 132 7.05 32.80 -9.02
N SER A 133 6.42 32.20 -8.03
CA SER A 133 7.12 31.68 -6.87
C SER A 133 6.32 30.55 -6.20
N CYS A 134 7.02 29.74 -5.42
CA CYS A 134 6.39 28.71 -4.60
C CYS A 134 7.08 28.70 -3.25
N PRO A 135 6.34 28.27 -2.22
CA PRO A 135 6.87 28.23 -0.84
C PRO A 135 8.19 27.53 -0.77
N ASP A 136 9.14 28.15 -0.09
CA ASP A 136 10.38 27.48 0.24
C ASP A 136 10.14 26.73 1.54
N TRP A 137 10.70 25.54 1.66
CA TRP A 137 10.45 24.69 2.80
C TRP A 137 10.87 25.36 4.11
N ARG A 138 12.01 26.04 4.08
CA ARG A 138 12.55 26.64 5.28
C ARG A 138 12.11 28.09 5.48
N LYS A 139 12.02 28.85 4.40
CA LYS A 139 11.77 30.29 4.51
C LYS A 139 10.30 30.69 4.48
N ASP A 140 9.44 29.79 4.01
CA ASP A 140 8.01 30.07 3.96
C ASP A 140 7.23 29.11 4.83
N CYS A 141 7.23 27.83 4.47
CA CYS A 141 6.43 26.84 5.21
C CYS A 141 6.76 25.40 4.79
N ARG A 142 6.75 24.48 5.74
CA ARG A 142 6.97 23.05 5.45
C ARG A 142 5.71 22.37 4.91
N THR A 143 4.54 22.93 5.22
CA THR A 143 3.26 22.32 4.82
C THR A 143 2.87 22.76 3.41
N ASN A 144 3.77 22.52 2.47
CA ASN A 144 3.52 22.93 1.10
C ASN A 144 3.34 21.70 0.22
N TYR A 145 2.79 21.87 -0.98
CA TYR A 145 2.40 20.70 -1.76
C TYR A 145 3.56 19.85 -2.25
N LEU A 146 4.70 20.46 -2.52
CA LEU A 146 5.87 19.71 -2.97
C LEU A 146 6.44 18.84 -1.84
N SER A 147 6.69 19.46 -0.71
CA SER A 147 7.20 18.74 0.46
C SER A 147 6.27 17.61 0.92
N VAL A 148 4.99 17.91 1.01
CA VAL A 148 4.00 16.96 1.46
C VAL A 148 3.89 15.76 0.51
N PHE A 149 3.90 16.02 -0.79
CA PHE A 149 3.90 14.94 -1.77
C PHE A 149 5.01 13.93 -1.47
N TRP A 150 6.26 14.40 -1.38
CA TRP A 150 7.37 13.48 -1.17
C TRP A 150 7.29 12.75 0.17
N GLU A 151 6.79 13.42 1.21
CA GLU A 151 6.63 12.75 2.49
C GLU A 151 5.67 11.57 2.41
N VAL A 152 4.49 11.80 1.83
N VAL A 152 4.48 11.82 1.85
CA VAL A 152 3.48 10.75 1.76
CA VAL A 152 3.47 10.79 1.71
C VAL A 152 3.89 9.64 0.78
C VAL A 152 3.93 9.66 0.81
N LEU A 153 4.48 10.01 -0.35
CA LEU A 153 4.89 8.99 -1.30
C LEU A 153 6.00 8.10 -0.69
N SER A 154 6.95 8.74 -0.02
CA SER A 154 8.07 8.01 0.54
C SER A 154 7.62 7.08 1.67
N GLU A 155 6.66 7.53 2.47
CA GLU A 155 6.14 6.68 3.53
C GLU A 155 5.48 5.42 2.97
N ARG A 156 4.70 5.57 1.91
CA ARG A 156 4.07 4.40 1.28
C ARG A 156 5.11 3.45 0.71
N PHE A 157 6.10 4.02 0.02
CA PHE A 157 7.23 3.26 -0.53
C PHE A 157 7.94 2.48 0.59
N ALA A 158 8.24 3.12 1.72
CA ALA A 158 8.89 2.41 2.82
C ALA A 158 8.02 1.26 3.39
N GLU A 159 6.76 1.58 3.70
CA GLU A 159 5.84 0.62 4.29
C GLU A 159 5.73 -0.60 3.39
N SER A 160 5.88 -0.37 2.09
CA SER A 160 5.70 -1.40 1.07
C SER A 160 6.87 -2.38 1.01
N ALA A 161 8.02 -1.97 1.55
CA ALA A 161 9.26 -2.75 1.41
C ALA A 161 9.15 -4.15 2.04
N CYS A 162 9.72 -5.15 1.35
CA CYS A 162 9.82 -6.51 1.91
C CYS A 162 11.15 -7.17 1.59
N ASN A 163 11.51 -8.17 2.41
CA ASN A 163 12.80 -8.85 2.29
C ASN A 163 13.98 -7.86 2.37
N THR A 164 15.00 -8.03 1.53
CA THR A 164 16.18 -7.17 1.64
C THR A 164 16.02 -5.86 0.89
N VAL A 165 16.33 -4.76 1.58
CA VAL A 165 16.29 -3.44 0.97
C VAL A 165 17.69 -2.85 1.09
N ARG A 166 18.05 -1.98 0.17
CA ARG A 166 19.35 -1.33 0.21
C ARG A 166 19.23 0.17 0.30
N VAL A 167 20.14 0.82 1.03
CA VAL A 167 20.17 2.27 1.05
C VAL A 167 21.56 2.70 0.62
N VAL A 168 21.62 3.67 -0.29
CA VAL A 168 22.90 4.18 -0.77
C VAL A 168 23.18 5.52 -0.10
N LEU A 169 24.26 5.58 0.69
CA LEU A 169 24.60 6.76 1.48
C LEU A 169 25.95 7.34 1.05
N ASN A 170 26.22 8.58 1.44
CA ASN A 170 27.39 9.31 0.93
C ASN A 170 28.55 9.26 1.93
N GLY A 171 29.57 8.46 1.60
CA GLY A 171 30.74 8.31 2.45
C GLY A 171 31.71 9.48 2.40
N SER A 172 31.39 10.48 1.57
CA SER A 172 32.19 11.71 1.49
C SER A 172 31.56 12.88 2.23
N LEU A 173 30.54 12.61 3.03
CA LEU A 173 29.96 13.62 3.91
C LEU A 173 30.34 13.34 5.35
N GLU A 174 30.23 14.37 6.20
CA GLU A 174 30.52 14.23 7.61
C GLU A 174 29.55 13.24 8.23
N ASN A 175 28.27 13.43 7.93
CA ASN A 175 27.27 12.48 8.38
C ASN A 175 26.53 11.84 7.21
N ALA A 176 26.83 10.57 6.97
CA ALA A 176 26.20 9.84 5.86
C ALA A 176 24.71 9.67 6.13
N PHE A 177 24.35 9.55 7.41
CA PHE A 177 22.94 9.42 7.78
C PHE A 177 22.49 10.69 8.46
N ASP A 178 21.46 11.30 7.91
CA ASP A 178 20.92 12.53 8.43
C ASP A 178 19.56 12.21 9.04
N SER A 179 19.43 12.28 10.36
CA SER A 179 18.20 11.87 11.03
C SER A 179 16.98 12.68 10.60
N MET A 180 17.21 13.86 10.04
CA MET A 180 16.12 14.74 9.64
C MET A 180 15.79 14.65 8.15
N SER A 181 16.52 13.81 7.42
CA SER A 181 16.22 13.57 6.01
C SER A 181 14.92 12.79 5.90
N ILE A 182 14.34 12.76 4.70
CA ILE A 182 13.19 11.90 4.47
C ILE A 182 13.53 10.45 4.81
N PHE A 183 14.71 10.00 4.40
CA PHE A 183 15.10 8.62 4.71
C PHE A 183 15.11 8.37 6.22
N GLY A 184 15.62 9.33 6.98
CA GLY A 184 15.78 9.17 8.41
C GLY A 184 14.51 9.37 9.21
N ARG A 185 13.64 10.27 8.77
CA ARG A 185 12.42 10.62 9.49
C ARG A 185 11.20 9.83 9.04
N VAL A 186 11.19 9.42 7.78
CA VAL A 186 9.96 8.87 7.22
C VAL A 186 10.13 7.44 6.74
N GLU A 187 11.24 7.16 6.06
CA GLU A 187 11.39 5.83 5.48
C GLU A 187 11.88 4.80 6.49
N ALA A 188 13.06 5.00 7.07
CA ALA A 188 13.58 4.03 8.05
C ALA A 188 12.57 3.75 9.17
N PRO A 189 11.95 4.79 9.73
CA PRO A 189 11.00 4.53 10.82
C PRO A 189 9.71 3.81 10.38
N ASN A 190 9.51 3.62 9.07
CA ASN A 190 8.33 2.88 8.63
C ASN A 190 8.61 1.55 7.93
N LEU A 191 9.84 1.05 8.05
CA LEU A 191 10.15 -0.26 7.51
C LEU A 191 9.46 -1.33 8.37
N ARG A 192 8.94 -2.38 7.76
CA ARG A 192 8.25 -3.40 8.55
C ARG A 192 9.26 -4.38 9.18
N PRO A 193 8.88 -5.03 10.30
CA PRO A 193 9.83 -5.98 10.87
C PRO A 193 10.13 -7.10 9.89
N GLN A 194 11.31 -7.70 9.99
CA GLN A 194 11.67 -8.82 9.13
C GLN A 194 12.26 -8.35 7.81
N VAL A 195 12.05 -7.07 7.48
CA VAL A 195 12.87 -6.43 6.45
C VAL A 195 14.33 -6.47 6.91
N GLU A 196 15.23 -6.62 5.94
CA GLU A 196 16.66 -6.55 6.21
C GLU A 196 17.25 -5.41 5.39
N LEU A 197 17.86 -4.45 6.06
CA LEU A 197 18.42 -3.28 5.38
C LEU A 197 19.93 -3.39 5.26
N GLU A 198 20.43 -3.23 4.04
CA GLU A 198 21.86 -3.15 3.80
C GLU A 198 22.21 -1.71 3.41
N ALA A 199 23.06 -1.05 4.20
CA ALA A 199 23.52 0.31 3.89
C ALA A 199 24.90 0.28 3.22
N TRP A 200 25.05 1.03 2.13
CA TRP A 200 26.33 1.17 1.43
C TRP A 200 26.79 2.63 1.53
N LEU A 201 27.96 2.85 2.13
CA LEU A 201 28.52 4.19 2.25
C LEU A 201 29.62 4.37 1.22
N VAL A 202 29.31 5.11 0.17
CA VAL A 202 30.19 5.22 -0.98
C VAL A 202 30.82 6.60 -1.03
N HIS A 203 32.16 6.66 -1.12
CA HIS A 203 32.87 7.94 -1.18
C HIS A 203 33.30 8.29 -2.60
N ASP A 204 33.57 9.57 -2.82
CA ASP A 204 34.05 10.07 -4.10
C ASP A 204 35.35 9.40 -4.53
N THR A 205 35.48 9.11 -5.83
CA THR A 205 36.69 8.48 -6.34
C THR A 205 37.92 9.36 -6.10
N GLY A 206 39.00 8.75 -5.64
CA GLY A 206 40.24 9.46 -5.43
C GLY A 206 40.30 10.24 -4.12
N LYS A 207 39.23 10.16 -3.33
CA LYS A 207 39.16 10.88 -2.05
C LYS A 207 39.06 9.94 -0.85
N PRO A 208 39.61 10.36 0.29
CA PRO A 208 39.47 9.53 1.50
C PRO A 208 38.01 9.63 2.00
N PRO A 209 37.44 8.52 2.49
CA PRO A 209 36.08 8.58 3.06
C PRO A 209 36.00 9.51 4.28
N SER A 210 34.84 10.13 4.50
CA SER A 210 34.61 11.11 5.58
C SER A 210 33.72 10.58 6.71
N ASP A 211 32.89 9.58 6.42
CA ASP A 211 32.07 8.92 7.45
C ASP A 211 32.08 7.41 7.20
N SER A 212 31.83 6.63 8.24
CA SER A 212 31.94 5.17 8.12
C SER A 212 30.87 4.43 8.92
N CYS A 213 30.85 3.11 8.76
CA CYS A 213 29.85 2.31 9.44
C CYS A 213 29.97 2.37 10.96
N SER A 214 31.14 2.75 11.45
CA SER A 214 31.38 2.78 12.89
C SER A 214 31.27 4.18 13.47
N GLY A 215 30.77 5.13 12.67
CA GLY A 215 30.67 6.51 13.10
C GLY A 215 29.39 6.82 13.85
N SER A 216 29.24 8.08 14.24
CA SER A 216 28.08 8.49 15.04
C SER A 216 26.74 8.50 14.30
N SER A 217 26.71 9.01 13.07
CA SER A 217 25.44 9.12 12.35
C SER A 217 24.84 7.74 12.08
N ILE A 218 25.68 6.75 11.77
CA ILE A 218 25.20 5.39 11.54
C ILE A 218 24.68 4.72 12.83
N ARG A 219 25.25 5.08 13.97
CA ARG A 219 24.69 4.63 15.25
C ARG A 219 23.23 5.08 15.40
N LYS A 220 22.92 6.27 14.91
CA LYS A 220 21.53 6.76 14.98
C LYS A 220 20.62 5.90 14.11
N LEU A 221 21.08 5.59 12.91
CA LEU A 221 20.33 4.69 12.04
C LEU A 221 20.15 3.31 12.68
N LYS A 222 21.23 2.75 13.21
CA LYS A 222 21.15 1.44 13.82
C LYS A 222 20.09 1.39 14.92
N SER A 223 19.96 2.49 15.67
CA SER A 223 18.99 2.56 16.76
CA SER A 223 18.99 2.55 16.76
C SER A 223 17.55 2.56 16.24
N ILE A 224 17.32 3.27 15.14
CA ILE A 224 15.99 3.26 14.53
C ILE A 224 15.61 1.84 14.15
N LEU A 225 16.51 1.17 13.43
CA LEU A 225 16.22 -0.15 12.90
C LEU A 225 16.03 -1.18 14.01
N ASP A 226 16.84 -1.08 15.06
CA ASP A 226 16.67 -1.95 16.22
C ASP A 226 15.25 -1.83 16.75
N GLY A 227 14.75 -0.61 16.84
CA GLY A 227 13.39 -0.37 17.32
C GLY A 227 12.34 -1.02 16.44
N ARG A 228 12.61 -1.10 15.15
CA ARG A 228 11.66 -1.64 14.17
C ARG A 228 11.83 -3.13 13.97
N ASN A 229 12.78 -3.72 14.68
CA ASN A 229 13.18 -5.10 14.45
C ASN A 229 13.57 -5.38 12.99
N VAL A 230 14.45 -4.53 12.46
CA VAL A 230 14.97 -4.68 11.12
C VAL A 230 16.46 -5.00 11.21
N LYS A 231 16.86 -6.12 10.62
CA LYS A 231 18.28 -6.49 10.61
C LYS A 231 19.04 -5.46 9.79
N PHE A 232 20.25 -5.14 10.23
CA PHE A 232 21.01 -4.09 9.59
C PHE A 232 22.41 -4.58 9.26
N ARG A 233 22.81 -4.46 8.00
CA ARG A 233 24.19 -4.70 7.61
C ARG A 233 24.75 -3.44 6.95
N CYS A 234 25.92 -3.00 7.41
CA CYS A 234 26.54 -1.78 6.90
C CYS A 234 27.88 -2.08 6.19
N MET A 235 28.06 -1.56 4.98
CA MET A 235 29.31 -1.73 4.23
C MET A 235 29.83 -0.34 3.86
N ASP A 236 31.13 -0.14 3.99
CA ASP A 236 31.71 1.18 3.73
C ASP A 236 33.09 1.11 3.05
N ASN A 237 33.77 2.25 3.02
CA ASN A 237 35.11 2.33 2.44
C ASN A 237 35.20 1.77 1.02
N LEU A 238 34.36 2.27 0.13
CA LEU A 238 34.46 1.91 -1.29
C LEU A 238 34.00 3.07 -2.12
N SER A 239 34.48 3.16 -3.35
CA SER A 239 34.06 4.25 -4.21
C SER A 239 33.14 3.74 -5.30
N ARG A 240 32.80 4.63 -6.22
CA ARG A 240 31.80 4.39 -7.27
C ARG A 240 32.04 3.16 -8.13
N ASP A 241 33.26 3.00 -8.66
CA ASP A 241 33.53 1.85 -9.53
C ASP A 241 33.32 0.52 -8.80
N GLN A 242 33.85 0.41 -7.59
CA GLN A 242 33.72 -0.84 -6.86
C GLN A 242 32.25 -1.13 -6.53
N PHE A 243 31.54 -0.08 -6.16
CA PHE A 243 30.13 -0.20 -5.80
C PHE A 243 29.30 -0.67 -6.99
N LEU A 244 29.55 -0.06 -8.15
CA LEU A 244 28.77 -0.37 -9.34
C LEU A 244 29.17 -1.72 -9.96
N GLN A 245 30.40 -2.14 -9.75
CA GLN A 245 30.91 -3.39 -10.31
C GLN A 245 30.15 -4.61 -9.81
N GLY B 7 -37.76 6.66 4.71
CA GLY B 7 -36.92 7.07 5.82
C GLY B 7 -35.77 6.11 6.02
N LEU B 8 -35.55 5.70 7.25
CA LEU B 8 -34.40 4.85 7.57
C LEU B 8 -34.52 3.44 6.98
N ASN B 9 -35.75 3.04 6.63
CA ASN B 9 -36.01 1.73 6.05
C ASN B 9 -35.89 1.69 4.53
N ARG B 10 -35.46 2.78 3.93
CA ARG B 10 -35.53 2.89 2.49
C ARG B 10 -34.61 1.93 1.74
N TRP B 11 -33.60 1.40 2.42
CA TRP B 11 -32.62 0.56 1.73
C TRP B 11 -33.07 -0.90 1.63
N HIS B 12 -32.47 -1.63 0.70
CA HIS B 12 -32.83 -3.03 0.47
C HIS B 12 -31.97 -4.05 1.23
N GLY B 13 -30.92 -3.59 1.89
CA GLY B 13 -30.14 -4.50 2.72
C GLY B 13 -30.49 -4.40 4.18
N ALA B 14 -30.02 -5.38 4.95
CA ALA B 14 -30.25 -5.40 6.39
C ALA B 14 -29.56 -4.24 7.10
N GLY B 15 -30.08 -3.86 8.26
CA GLY B 15 -29.57 -2.71 8.98
C GLY B 15 -28.24 -2.97 9.66
N SER B 16 -27.63 -1.91 10.20
CA SER B 16 -26.36 -2.00 10.94
C SER B 16 -26.45 -2.97 12.14
N THR B 17 -25.34 -3.64 12.43
CA THR B 17 -25.20 -4.40 13.66
C THR B 17 -25.51 -3.54 14.89
N ALA B 18 -26.39 -4.05 15.75
CA ALA B 18 -26.69 -3.32 16.98
C ALA B 18 -25.46 -3.23 17.86
N ASP B 19 -25.26 -2.06 18.47
CA ASP B 19 -24.13 -1.82 19.37
C ASP B 19 -22.80 -1.99 18.66
N PHE B 20 -22.76 -1.56 17.40
CA PHE B 20 -21.54 -1.63 16.58
C PHE B 20 -20.32 -1.06 17.32
N GLN B 21 -20.48 0.14 17.90
CA GLN B 21 -19.37 0.82 18.58
C GLN B 21 -18.77 -0.01 19.71
N LYS B 22 -19.63 -0.68 20.48
CA LYS B 22 -19.16 -1.51 21.59
C LYS B 22 -18.41 -2.71 21.02
N ILE B 23 -18.96 -3.31 19.99
CA ILE B 23 -18.39 -4.53 19.43
C ILE B 23 -17.00 -4.25 18.87
N ILE B 24 -16.85 -3.20 18.11
CA ILE B 24 -15.54 -2.87 17.52
CA ILE B 24 -15.53 -2.96 17.53
C ILE B 24 -14.52 -2.58 18.62
N GLN B 25 -14.97 -1.89 19.66
CA GLN B 25 -14.10 -1.55 20.79
C GLN B 25 -13.61 -2.80 21.50
N GLU B 26 -14.53 -3.70 21.81
CA GLU B 26 -14.19 -4.94 22.49
C GLU B 26 -13.30 -5.85 21.64
N ARG B 27 -13.66 -6.02 20.37
CA ARG B 27 -12.86 -6.84 19.44
C ARG B 27 -11.44 -6.30 19.33
N CYS B 28 -11.29 -4.98 19.35
CA CYS B 28 -9.95 -4.40 19.20
C CYS B 28 -9.09 -4.74 20.40
N ASP B 29 -9.64 -4.58 21.60
CA ASP B 29 -8.92 -4.94 22.83
C ASP B 29 -8.55 -6.45 22.84
N THR B 30 -9.51 -7.28 22.45
CA THR B 30 -9.30 -8.72 22.42
C THR B 30 -8.21 -9.07 21.40
N TYR B 31 -8.25 -8.44 20.24
CA TYR B 31 -7.30 -8.79 19.19
C TYR B 31 -5.88 -8.41 19.58
N THR B 32 -5.71 -7.17 20.06
CA THR B 32 -4.39 -6.61 20.29
C THR B 32 -3.73 -7.17 21.55
N GLN B 33 -4.55 -7.69 22.46
CA GLN B 33 -4.03 -8.16 23.75
C GLN B 33 -4.08 -9.67 23.92
N THR B 34 -5.06 -10.32 23.31
CA THR B 34 -5.24 -11.74 23.60
C THR B 34 -5.14 -12.65 22.39
N ILE B 35 -5.54 -12.14 21.21
CA ILE B 35 -5.52 -12.94 20.00
C ILE B 35 -4.15 -12.93 19.36
N ARG B 36 -3.66 -11.72 19.07
CA ARG B 36 -2.37 -11.52 18.47
C ARG B 36 -1.55 -10.53 19.29
N PRO B 37 -1.23 -10.90 20.54
CA PRO B 37 -0.46 -10.04 21.44
C PRO B 37 1.00 -9.97 21.02
N GLY B 38 1.74 -9.01 21.57
CA GLY B 38 3.17 -8.93 21.36
C GLY B 38 3.57 -8.03 20.22
N SER B 39 2.59 -7.51 19.48
CA SER B 39 2.87 -6.61 18.35
C SER B 39 3.09 -5.17 18.79
N ARG B 40 3.62 -4.34 17.89
CA ARG B 40 3.68 -2.90 18.12
C ARG B 40 2.29 -2.43 18.57
N SER B 41 2.23 -1.51 19.52
CA SER B 41 0.94 -1.13 20.11
C SER B 41 0.07 -0.33 19.14
N ARG B 42 -1.25 -0.51 19.26
CA ARG B 42 -2.22 0.22 18.45
C ARG B 42 -3.22 0.82 19.43
N ASN B 43 -3.66 2.05 19.19
CA ASN B 43 -4.62 2.71 20.08
C ASN B 43 -6.04 2.34 19.66
N CYS B 44 -6.70 1.47 20.44
CA CYS B 44 -8.03 0.98 20.06
C CYS B 44 -9.13 2.04 20.12
N GLN B 45 -9.01 2.99 21.04
CA GLN B 45 -9.94 4.11 21.07
C GLN B 45 -9.85 4.91 19.79
N ALA B 46 -8.63 5.23 19.36
CA ALA B 46 -8.46 5.99 18.11
C ALA B 46 -8.91 5.20 16.88
N ILE B 47 -8.68 3.90 16.88
CA ILE B 47 -9.07 3.07 15.74
C ILE B 47 -10.58 3.04 15.62
N ARG B 48 -11.25 2.88 16.75
CA ARG B 48 -12.70 2.89 16.78
C ARG B 48 -13.23 4.26 16.32
N GLN B 49 -12.66 5.33 16.83
CA GLN B 49 -13.05 6.68 16.41
C GLN B 49 -12.85 6.90 14.90
N ALA B 50 -11.71 6.44 14.39
CA ALA B 50 -11.45 6.53 12.95
C ALA B 50 -12.46 5.73 12.11
N PHE B 51 -12.87 4.55 12.61
CA PHE B 51 -13.75 3.66 11.86
C PHE B 51 -15.11 4.37 11.74
N MET B 52 -15.60 4.88 12.87
CA MET B 52 -16.85 5.65 12.90
C MET B 52 -16.77 6.90 12.02
N SER B 53 -15.68 7.66 12.11
CA SER B 53 -15.57 8.91 11.37
C SER B 53 -15.57 8.68 9.86
N ALA B 54 -15.12 7.49 9.44
CA ALA B 54 -15.08 7.19 8.01
C ALA B 54 -16.48 7.29 7.36
N PHE B 55 -17.53 6.88 8.06
CA PHE B 55 -18.84 6.75 7.40
C PHE B 55 -20.00 7.46 8.06
N ILE B 56 -19.86 7.80 9.33
CA ILE B 56 -21.00 8.36 10.07
C ILE B 56 -21.42 9.71 9.46
N SER B 57 -22.75 9.91 9.37
CA SER B 57 -23.33 11.16 8.92
C SER B 57 -23.14 11.43 7.44
N LYS B 58 -22.62 10.45 6.69
CA LYS B 58 -22.34 10.68 5.26
C LYS B 58 -23.40 10.05 4.36
N ASP B 59 -23.41 10.47 3.08
CA ASP B 59 -24.29 9.86 2.08
C ASP B 59 -23.91 8.38 1.98
N PRO B 60 -24.84 7.49 2.34
CA PRO B 60 -24.48 6.05 2.44
C PRO B 60 -24.21 5.39 1.09
N CYS B 61 -24.45 6.09 -0.01
CA CYS B 61 -24.22 5.55 -1.34
C CYS B 61 -23.14 6.31 -2.10
N LYS B 62 -22.33 7.09 -1.39
CA LYS B 62 -21.19 7.75 -2.04
C LYS B 62 -19.84 7.51 -1.36
N ALA B 63 -19.69 6.32 -0.76
CA ALA B 63 -18.42 5.88 -0.20
C ALA B 63 -17.35 5.82 -1.30
N THR B 64 -16.14 6.24 -0.95
CA THR B 64 -14.95 6.09 -1.79
C THR B 64 -13.83 5.43 -0.99
N LYS B 65 -12.84 4.87 -1.67
CA LYS B 65 -11.73 4.22 -0.97
C LYS B 65 -11.00 5.19 -0.07
N GLU B 66 -10.91 6.45 -0.50
CA GLU B 66 -10.17 7.48 0.23
C GLU B 66 -10.74 7.73 1.61
N ASP B 67 -12.04 7.49 1.77
CA ASP B 67 -12.72 7.72 3.04
C ASP B 67 -12.15 6.81 4.12
N TYR B 68 -11.49 5.73 3.70
CA TYR B 68 -10.91 4.80 4.66
C TYR B 68 -9.41 4.93 4.82
N ASN B 69 -8.78 5.85 4.11
CA ASN B 69 -7.31 5.96 4.21
C ASN B 69 -6.81 6.16 5.65
N SER B 70 -7.45 7.02 6.42
CA SER B 70 -7.01 7.27 7.78
CA SER B 70 -7.05 7.29 7.79
C SER B 70 -7.14 6.04 8.66
N LEU B 71 -8.23 5.31 8.52
CA LEU B 71 -8.43 4.09 9.30
C LEU B 71 -7.36 3.06 8.95
N ILE B 72 -7.12 2.86 7.66
CA ILE B 72 -6.16 1.87 7.18
CA ILE B 72 -6.17 1.85 7.24
C ILE B 72 -4.75 2.20 7.69
N ASN B 73 -4.42 3.48 7.70
CA ASN B 73 -3.12 3.94 8.19
C ASN B 73 -2.86 3.60 9.65
N LEU B 74 -3.93 3.54 10.44
CA LEU B 74 -3.77 3.18 11.83
C LEU B 74 -3.48 1.69 12.05
N ALA B 75 -3.89 0.84 11.10
CA ALA B 75 -3.72 -0.59 11.24
C ALA B 75 -3.76 -1.30 9.86
N PRO B 76 -2.67 -1.22 9.10
CA PRO B 76 -2.73 -1.76 7.73
C PRO B 76 -2.83 -3.27 7.79
N PRO B 77 -3.59 -3.90 6.86
CA PRO B 77 -3.86 -5.35 6.87
C PRO B 77 -2.69 -6.09 6.27
N THR B 78 -1.54 -5.97 6.90
CA THR B 78 -0.31 -6.58 6.37
C THR B 78 0.04 -7.81 7.19
N VAL B 79 0.43 -8.88 6.51
CA VAL B 79 0.71 -10.15 7.18
CA VAL B 79 0.68 -10.16 7.17
C VAL B 79 2.15 -10.53 6.92
N PRO B 80 2.80 -11.18 7.90
CA PRO B 80 4.21 -11.56 7.67
C PRO B 80 4.44 -12.39 6.39
N CYS B 81 5.57 -12.13 5.74
CA CYS B 81 5.95 -12.89 4.56
C CYS B 81 5.71 -14.40 4.70
N GLY B 82 5.11 -14.98 3.68
CA GLY B 82 4.84 -16.42 3.67
C GLY B 82 3.71 -16.91 4.54
N GLN B 83 2.94 -16.03 5.19
CA GLN B 83 1.87 -16.48 6.06
C GLN B 83 0.47 -16.12 5.56
N GLN B 84 0.38 -15.56 4.36
CA GLN B 84 -0.88 -14.98 3.91
C GLN B 84 -1.78 -15.97 3.17
N VAL B 85 -3.07 -15.99 3.52
CA VAL B 85 -4.02 -16.90 2.90
C VAL B 85 -5.18 -16.10 2.32
N PHE B 86 -5.42 -16.28 1.03
CA PHE B 86 -6.61 -15.76 0.37
C PHE B 86 -7.63 -16.88 0.29
N TRP B 87 -8.90 -16.54 0.10
CA TRP B 87 -9.92 -17.56 -0.05
C TRP B 87 -11.13 -17.04 -0.82
N SER B 88 -11.86 -17.94 -1.46
CA SER B 88 -13.06 -17.52 -2.17
C SER B 88 -14.05 -18.69 -2.17
N LYS B 89 -15.21 -18.46 -1.55
CA LYS B 89 -16.31 -19.45 -1.46
C LYS B 89 -15.97 -20.67 -0.59
N THR B 90 -15.03 -20.50 0.33
CA THR B 90 -14.52 -21.58 1.17
C THR B 90 -14.33 -21.04 2.58
N LYS B 91 -15.20 -20.13 2.99
CA LYS B 91 -15.01 -19.45 4.27
C LYS B 91 -14.57 -20.32 5.43
N GLU B 92 -15.37 -21.33 5.77
CA GLU B 92 -15.11 -22.11 6.97
C GLU B 92 -13.81 -22.92 6.84
N LEU B 93 -13.67 -23.59 5.70
CA LEU B 93 -12.49 -24.40 5.44
C LEU B 93 -11.19 -23.54 5.46
N ALA B 94 -11.24 -22.37 4.84
CA ALA B 94 -10.03 -21.55 4.74
C ALA B 94 -9.59 -21.10 6.14
N HIS B 95 -10.55 -20.73 6.99
CA HIS B 95 -10.20 -20.27 8.34
C HIS B 95 -9.71 -21.43 9.21
N GLU B 96 -10.28 -22.63 9.02
CA GLU B 96 -9.82 -23.80 9.76
C GLU B 96 -8.37 -24.12 9.41
N TYR B 97 -8.08 -24.09 8.12
CA TYR B 97 -6.74 -24.36 7.62
C TYR B 97 -5.77 -23.28 8.10
N ALA B 98 -6.16 -22.01 8.01
CA ALA B 98 -5.30 -20.94 8.53
C ALA B 98 -5.00 -21.11 10.02
N LYS B 99 -6.02 -21.47 10.81
CA LYS B 99 -5.82 -21.73 12.23
C LYS B 99 -4.82 -22.85 12.49
N ARG B 100 -5.01 -23.98 11.82
CA ARG B 100 -4.14 -25.15 12.01
C ARG B 100 -2.69 -24.89 11.64
N ARG B 101 -2.47 -24.14 10.57
CA ARG B 101 -1.12 -23.89 10.06
C ARG B 101 -0.52 -22.59 10.59
N ARG B 102 -1.24 -21.92 11.49
CA ARG B 102 -0.84 -20.60 12.02
C ARG B 102 -0.58 -19.61 10.90
N LEU B 103 -1.54 -19.49 9.99
CA LEU B 103 -1.43 -18.54 8.90
C LEU B 103 -2.48 -17.45 9.14
N MET B 104 -2.54 -16.47 8.24
CA MET B 104 -3.48 -15.37 8.40
C MET B 104 -4.31 -15.10 7.14
N THR B 105 -5.63 -15.17 7.30
CA THR B 105 -6.56 -14.64 6.30
C THR B 105 -6.80 -13.15 6.54
N LEU B 106 -7.55 -12.53 5.62
CA LEU B 106 -7.87 -11.12 5.78
C LEU B 106 -8.59 -10.86 7.11
N GLU B 107 -9.46 -11.80 7.50
CA GLU B 107 -10.24 -11.68 8.71
C GLU B 107 -9.40 -11.95 9.97
N ASP B 108 -8.11 -12.23 9.78
CA ASP B 108 -7.15 -12.33 10.89
C ASP B 108 -6.25 -11.10 11.10
N THR B 109 -6.37 -10.10 10.23
CA THR B 109 -5.72 -8.81 10.43
C THR B 109 -6.56 -8.00 11.42
N LEU B 110 -6.00 -6.93 11.99
CA LEU B 110 -6.75 -6.16 13.00
C LEU B 110 -8.09 -5.66 12.45
N LEU B 111 -8.06 -4.94 11.34
CA LEU B 111 -9.30 -4.37 10.81
C LEU B 111 -10.26 -5.47 10.31
N GLY B 112 -9.71 -6.54 9.74
CA GLY B 112 -10.58 -7.59 9.24
C GLY B 112 -11.29 -8.28 10.38
N TYR B 113 -10.59 -8.42 11.49
CA TYR B 113 -11.15 -9.08 12.67
C TYR B 113 -12.23 -8.17 13.29
N LEU B 114 -11.97 -6.86 13.32
CA LEU B 114 -12.95 -5.93 13.88
C LEU B 114 -14.24 -6.04 13.09
N ALA B 115 -14.11 -6.11 11.77
CA ALA B 115 -15.24 -5.94 10.88
C ALA B 115 -15.98 -7.24 10.53
N ASP B 116 -15.32 -8.38 10.75
CA ASP B 116 -15.81 -9.68 10.27
C ASP B 116 -17.25 -9.94 10.73
N GLY B 117 -18.12 -10.16 9.75
CA GLY B 117 -19.52 -10.46 9.99
C GLY B 117 -20.42 -9.32 10.44
N LEU B 118 -19.89 -8.10 10.51
CA LEU B 118 -20.73 -6.97 10.92
C LEU B 118 -21.34 -6.26 9.71
N ARG B 119 -22.33 -5.41 9.99
CA ARG B 119 -22.90 -4.52 8.97
C ARG B 119 -22.93 -3.11 9.54
N TRP B 120 -22.74 -2.10 8.68
CA TRP B 120 -22.82 -0.70 9.10
C TRP B 120 -23.15 0.25 7.97
N CYS B 121 -23.91 1.28 8.32
CA CYS B 121 -24.10 2.44 7.47
C CYS B 121 -24.59 3.58 8.35
N GLY B 122 -24.44 4.80 7.86
CA GLY B 122 -24.93 5.96 8.59
C GLY B 122 -26.09 6.59 7.83
N GLU B 123 -26.41 7.82 8.22
CA GLU B 123 -27.54 8.54 7.66
C GLU B 123 -27.19 10.01 7.70
N PRO B 124 -27.35 10.71 6.59
CA PRO B 124 -26.95 12.12 6.56
C PRO B 124 -27.59 12.93 7.68
N GLY B 125 -26.78 13.72 8.39
CA GLY B 125 -27.29 14.55 9.47
C GLY B 125 -27.50 13.83 10.80
N SER B 126 -27.19 12.55 10.85
CA SER B 126 -27.26 11.79 12.10
C SER B 126 -25.88 11.36 12.53
N SER B 127 -25.63 11.33 13.83
CA SER B 127 -24.35 10.87 14.34
C SER B 127 -24.41 9.38 14.70
N ASP B 128 -25.52 8.73 14.37
CA ASP B 128 -25.76 7.33 14.72
C ASP B 128 -25.76 6.38 13.52
N LEU B 129 -25.60 5.09 13.78
CA LEU B 129 -25.73 4.10 12.72
C LEU B 129 -27.19 3.89 12.40
N ASN B 130 -27.47 3.59 11.14
CA ASN B 130 -28.81 3.18 10.73
C ASN B 130 -29.01 1.69 11.01
N ILE B 131 -29.73 1.40 12.10
CA ILE B 131 -29.95 0.01 12.50
C ILE B 131 -31.15 -0.62 11.81
N TRP B 132 -31.78 0.11 10.90
CA TRP B 132 -32.99 -0.38 10.23
C TRP B 132 -32.79 -0.97 8.85
N SER B 133 -32.01 -0.30 8.01
CA SER B 133 -31.63 -0.88 6.73
C SER B 133 -30.33 -0.23 6.29
N CYS B 134 -29.64 -0.89 5.36
CA CYS B 134 -28.40 -0.37 4.76
C CYS B 134 -28.39 -0.71 3.28
N PRO B 135 -27.69 0.11 2.48
CA PRO B 135 -27.65 -0.14 1.04
C PRO B 135 -27.24 -1.57 0.69
N ASP B 136 -27.93 -2.18 -0.26
CA ASP B 136 -27.52 -3.48 -0.84
C ASP B 136 -26.63 -3.22 -2.07
N TRP B 137 -25.55 -3.98 -2.20
CA TRP B 137 -24.57 -3.77 -3.26
C TRP B 137 -25.24 -3.85 -4.64
N ARG B 138 -26.18 -4.79 -4.77
CA ARG B 138 -26.81 -5.05 -6.06
C ARG B 138 -28.02 -4.16 -6.34
N LYS B 139 -28.89 -4.00 -5.34
CA LYS B 139 -30.15 -3.30 -5.53
C LYS B 139 -30.07 -1.79 -5.28
N ASP B 140 -29.17 -1.38 -4.39
CA ASP B 140 -29.06 0.05 -4.08
C ASP B 140 -27.84 0.72 -4.72
N CYS B 141 -26.65 0.34 -4.29
CA CYS B 141 -25.45 0.99 -4.80
C CYS B 141 -24.22 0.18 -4.44
N ARG B 142 -23.28 0.12 -5.36
CA ARG B 142 -22.03 -0.59 -5.10
C ARG B 142 -21.14 0.26 -4.19
N THR B 143 -21.28 1.58 -4.30
CA THR B 143 -20.46 2.51 -3.56
C THR B 143 -21.02 2.79 -2.15
N ASN B 144 -21.25 1.72 -1.38
CA ASN B 144 -21.69 1.86 0.00
C ASN B 144 -20.52 1.56 0.93
N TYR B 145 -20.64 1.96 2.20
CA TYR B 145 -19.48 1.94 3.09
C TYR B 145 -19.02 0.53 3.48
N LEU B 146 -19.96 -0.41 3.56
CA LEU B 146 -19.61 -1.78 3.89
C LEU B 146 -18.84 -2.43 2.74
N SER B 147 -19.38 -2.34 1.52
CA SER B 147 -18.73 -2.95 0.37
C SER B 147 -17.38 -2.32 0.08
N VAL B 148 -17.32 -1.00 0.15
CA VAL B 148 -16.09 -0.27 -0.16
C VAL B 148 -15.01 -0.60 0.87
N PHE B 149 -15.40 -0.72 2.14
CA PHE B 149 -14.44 -1.16 3.17
C PHE B 149 -13.78 -2.47 2.76
N TRP B 150 -14.57 -3.48 2.44
CA TRP B 150 -13.96 -4.76 2.14
C TRP B 150 -13.11 -4.73 0.88
N GLU B 151 -13.54 -3.96 -0.12
CA GLU B 151 -12.74 -3.86 -1.33
C GLU B 151 -11.42 -3.19 -1.07
N VAL B 152 -11.41 -2.08 -0.34
CA VAL B 152 -10.14 -1.40 -0.09
CA VAL B 152 -10.17 -1.38 -0.03
C VAL B 152 -9.23 -2.20 0.85
N LEU B 153 -9.78 -2.86 1.86
CA LEU B 153 -8.99 -3.69 2.77
C LEU B 153 -8.36 -4.84 1.99
N SER B 154 -9.16 -5.48 1.14
CA SER B 154 -8.67 -6.60 0.33
C SER B 154 -7.56 -6.16 -0.63
N GLU B 155 -7.76 -5.01 -1.27
CA GLU B 155 -6.74 -4.45 -2.16
C GLU B 155 -5.40 -4.25 -1.45
N ARG B 156 -5.43 -3.61 -0.28
CA ARG B 156 -4.19 -3.32 0.47
C ARG B 156 -3.52 -4.62 0.94
N PHE B 157 -4.35 -5.56 1.37
CA PHE B 157 -3.92 -6.92 1.77
C PHE B 157 -3.16 -7.59 0.60
N ALA B 158 -3.73 -7.49 -0.60
CA ALA B 158 -3.12 -8.14 -1.78
C ALA B 158 -1.82 -7.44 -2.18
N GLU B 159 -1.84 -6.10 -2.13
CA GLU B 159 -0.69 -5.29 -2.51
C GLU B 159 0.51 -5.49 -1.59
N SER B 160 0.26 -5.85 -0.34
CA SER B 160 1.35 -5.98 0.63
C SER B 160 1.87 -7.42 0.75
N ALA B 161 1.26 -8.34 0.02
CA ALA B 161 1.66 -9.75 0.10
C ALA B 161 3.14 -9.95 -0.24
N CYS B 162 3.75 -10.91 0.43
CA CYS B 162 5.19 -11.10 0.32
C CYS B 162 5.51 -12.61 0.23
N ASN B 163 6.41 -12.98 -0.68
CA ASN B 163 6.86 -14.38 -0.80
C ASN B 163 5.75 -15.33 -1.24
N THR B 164 5.63 -16.47 -0.57
CA THR B 164 4.59 -17.43 -0.97
C THR B 164 3.23 -17.10 -0.33
N VAL B 165 2.19 -17.05 -1.17
CA VAL B 165 0.81 -16.87 -0.72
C VAL B 165 -0.01 -18.06 -1.19
N ARG B 166 -1.15 -18.27 -0.55
N ARG B 166 -1.10 -18.31 -0.48
CA ARG B 166 -1.95 -19.43 -0.89
CA ARG B 166 -1.99 -19.42 -0.80
C ARG B 166 -3.42 -19.07 -0.92
C ARG B 166 -3.40 -18.91 -1.05
N VAL B 167 -4.15 -19.61 -1.89
CA VAL B 167 -5.57 -19.34 -2.02
C VAL B 167 -6.34 -20.65 -1.89
N VAL B 168 -7.42 -20.64 -1.11
CA VAL B 168 -8.26 -21.82 -0.94
C VAL B 168 -9.54 -21.61 -1.75
N LEU B 169 -9.74 -22.46 -2.77
CA LEU B 169 -10.88 -22.34 -3.68
C LEU B 169 -11.73 -23.60 -3.57
N ASN B 170 -12.95 -23.48 -4.08
CA ASN B 170 -14.00 -24.48 -3.93
C ASN B 170 -14.14 -25.34 -5.16
N GLY B 171 -13.58 -26.55 -5.08
CA GLY B 171 -13.64 -27.54 -6.14
C GLY B 171 -15.00 -28.23 -6.29
N SER B 172 -15.96 -27.84 -5.45
CA SER B 172 -17.32 -28.36 -5.57
C SER B 172 -18.26 -27.36 -6.26
N LEU B 173 -17.70 -26.28 -6.80
CA LEU B 173 -18.47 -25.35 -7.61
C LEU B 173 -18.16 -25.60 -9.09
N GLU B 174 -19.03 -25.08 -9.98
CA GLU B 174 -18.76 -25.20 -11.41
C GLU B 174 -17.49 -24.47 -11.83
N ASN B 175 -17.29 -23.26 -11.30
CA ASN B 175 -16.06 -22.51 -11.52
C ASN B 175 -15.40 -22.15 -10.19
N ALA B 176 -14.27 -22.81 -9.90
CA ALA B 176 -13.53 -22.57 -8.68
C ALA B 176 -13.00 -21.14 -8.60
N PHE B 177 -12.73 -20.55 -9.76
CA PHE B 177 -12.32 -19.14 -9.81
C PHE B 177 -13.42 -18.31 -10.43
N ASP B 178 -13.89 -17.31 -9.69
CA ASP B 178 -14.96 -16.45 -10.15
C ASP B 178 -14.37 -15.07 -10.42
N SER B 179 -14.30 -14.69 -11.69
CA SER B 179 -13.71 -13.40 -12.01
C SER B 179 -14.52 -12.22 -11.44
N MET B 180 -15.75 -12.47 -10.99
CA MET B 180 -16.58 -11.37 -10.45
C MET B 180 -16.50 -11.27 -8.92
N SER B 181 -15.81 -12.22 -8.30
CA SER B 181 -15.63 -12.21 -6.86
C SER B 181 -14.62 -11.17 -6.44
N ILE B 182 -14.59 -10.81 -5.15
CA ILE B 182 -13.55 -9.88 -4.70
C ILE B 182 -12.16 -10.47 -4.98
N PHE B 183 -12.01 -11.78 -4.80
CA PHE B 183 -10.70 -12.37 -5.09
C PHE B 183 -10.31 -12.13 -6.57
N GLY B 184 -11.27 -12.29 -7.47
CA GLY B 184 -11.00 -12.17 -8.89
C GLY B 184 -10.86 -10.75 -9.40
N ARG B 185 -11.64 -9.84 -8.82
CA ARG B 185 -11.74 -8.46 -9.27
C ARG B 185 -10.69 -7.56 -8.62
N VAL B 186 -10.37 -7.85 -7.35
CA VAL B 186 -9.63 -6.92 -6.53
C VAL B 186 -8.30 -7.49 -6.04
N GLU B 187 -8.33 -8.73 -5.55
CA GLU B 187 -7.14 -9.30 -4.91
C GLU B 187 -6.09 -9.80 -5.91
N ALA B 188 -6.46 -10.76 -6.75
CA ALA B 188 -5.50 -11.27 -7.71
C ALA B 188 -4.91 -10.18 -8.61
N PRO B 189 -5.75 -9.25 -9.11
CA PRO B 189 -5.21 -8.23 -10.02
C PRO B 189 -4.28 -7.23 -9.36
N ASN B 190 -4.25 -7.23 -8.03
CA ASN B 190 -3.45 -6.25 -7.30
C ASN B 190 -2.36 -6.91 -6.50
N LEU B 191 -2.19 -8.21 -6.71
CA LEU B 191 -1.16 -8.94 -5.97
C LEU B 191 0.20 -8.32 -6.27
N ARG B 192 1.02 -8.16 -5.25
CA ARG B 192 2.37 -7.66 -5.47
C ARG B 192 3.03 -8.54 -6.50
N PRO B 193 3.63 -7.93 -7.51
CA PRO B 193 4.32 -8.73 -8.53
C PRO B 193 5.47 -9.58 -7.96
N GLN B 194 5.68 -10.74 -8.58
CA GLN B 194 6.76 -11.66 -8.23
C GLN B 194 6.63 -12.46 -6.91
N VAL B 195 5.49 -12.32 -6.23
CA VAL B 195 5.14 -13.33 -5.22
C VAL B 195 4.88 -14.66 -5.93
N GLU B 196 4.73 -15.74 -5.17
CA GLU B 196 4.35 -17.01 -5.77
C GLU B 196 3.04 -17.41 -5.14
N LEU B 197 2.09 -17.86 -5.96
CA LEU B 197 0.79 -18.23 -5.46
C LEU B 197 0.54 -19.72 -5.68
N GLU B 198 0.06 -20.36 -4.62
CA GLU B 198 -0.40 -21.74 -4.64
C GLU B 198 -1.91 -21.77 -4.41
N ALA B 199 -2.63 -22.38 -5.33
CA ALA B 199 -4.08 -22.52 -5.22
C ALA B 199 -4.41 -23.95 -4.87
N TRP B 200 -5.33 -24.11 -3.92
CA TRP B 200 -5.80 -25.41 -3.50
C TRP B 200 -7.29 -25.49 -3.77
N LEU B 201 -7.71 -26.46 -4.59
CA LEU B 201 -9.11 -26.63 -4.94
C LEU B 201 -9.69 -27.81 -4.17
N VAL B 202 -10.56 -27.50 -3.22
CA VAL B 202 -11.01 -28.49 -2.24
C VAL B 202 -12.50 -28.73 -2.39
N HIS B 203 -12.89 -30.00 -2.32
CA HIS B 203 -14.27 -30.40 -2.60
C HIS B 203 -14.94 -31.04 -1.38
N ASP B 204 -16.28 -31.06 -1.43
CA ASP B 204 -17.10 -31.59 -0.34
C ASP B 204 -16.86 -33.07 -0.18
N THR B 205 -16.70 -33.51 1.06
CA THR B 205 -16.42 -34.91 1.34
C THR B 205 -17.52 -35.81 0.80
N GLY B 206 -17.14 -36.87 0.09
CA GLY B 206 -18.09 -37.84 -0.41
C GLY B 206 -18.71 -37.59 -1.77
N LYS B 207 -18.32 -36.50 -2.43
CA LYS B 207 -18.84 -36.22 -3.77
C LYS B 207 -17.74 -35.80 -4.75
N PRO B 208 -17.91 -36.13 -6.03
CA PRO B 208 -16.88 -35.87 -7.04
C PRO B 208 -16.71 -34.38 -7.25
N PRO B 209 -15.46 -33.93 -7.41
CA PRO B 209 -15.24 -32.49 -7.61
C PRO B 209 -15.91 -32.04 -8.90
N SER B 210 -16.32 -30.78 -8.93
CA SER B 210 -16.98 -30.12 -10.06
C SER B 210 -16.02 -29.25 -10.89
N ASP B 211 -14.88 -28.87 -10.34
CA ASP B 211 -13.92 -28.08 -11.11
C ASP B 211 -12.51 -28.48 -10.73
N SER B 212 -11.56 -28.24 -11.65
CA SER B 212 -10.17 -28.72 -11.46
C SER B 212 -9.13 -27.72 -11.94
N CYS B 213 -7.86 -28.00 -11.66
CA CYS B 213 -6.81 -27.08 -12.07
C CYS B 213 -6.75 -26.89 -13.58
N SER B 214 -7.27 -27.86 -14.32
CA SER B 214 -7.21 -27.79 -15.78
CA SER B 214 -7.24 -27.85 -15.79
C SER B 214 -8.42 -27.12 -16.44
N GLY B 215 -9.36 -26.65 -15.64
CA GLY B 215 -10.58 -26.01 -16.13
C GLY B 215 -10.40 -24.60 -16.67
N SER B 216 -11.43 -24.09 -17.34
CA SER B 216 -11.36 -22.77 -17.94
CA SER B 216 -11.35 -22.77 -17.94
C SER B 216 -11.19 -21.64 -16.92
N SER B 217 -11.81 -21.78 -15.76
CA SER B 217 -11.75 -20.71 -14.76
C SER B 217 -10.35 -20.52 -14.17
N ILE B 218 -9.68 -21.61 -13.83
CA ILE B 218 -8.31 -21.52 -13.31
C ILE B 218 -7.36 -20.95 -14.37
N ARG B 219 -7.66 -21.25 -15.64
CA ARG B 219 -6.90 -20.62 -16.71
C ARG B 219 -7.04 -19.09 -16.69
N LYS B 220 -8.23 -18.60 -16.35
CA LYS B 220 -8.46 -17.16 -16.22
C LYS B 220 -7.61 -16.58 -15.09
N LEU B 221 -7.56 -17.29 -13.96
CA LEU B 221 -6.69 -16.87 -12.84
C LEU B 221 -5.23 -16.86 -13.29
N LYS B 222 -4.80 -17.90 -13.98
CA LYS B 222 -3.42 -17.97 -14.41
C LYS B 222 -3.04 -16.80 -15.32
N SER B 223 -3.95 -16.40 -16.20
CA SER B 223 -3.71 -15.26 -17.07
CA SER B 223 -3.69 -15.28 -17.08
C SER B 223 -3.45 -14.00 -16.26
N ILE B 224 -4.25 -13.78 -15.22
CA ILE B 224 -4.06 -12.60 -14.37
C ILE B 224 -2.68 -12.64 -13.71
N LEU B 225 -2.33 -13.80 -13.18
CA LEU B 225 -1.07 -13.95 -12.48
C LEU B 225 0.13 -13.83 -13.43
N ASP B 226 -0.02 -14.37 -14.65
CA ASP B 226 1.02 -14.20 -15.66
C ASP B 226 1.30 -12.70 -15.84
N GLY B 227 0.24 -11.92 -15.90
CA GLY B 227 0.33 -10.47 -16.06
C GLY B 227 0.99 -9.75 -14.88
N ARG B 228 0.93 -10.35 -13.70
CA ARG B 228 1.57 -9.79 -12.51
C ARG B 228 2.95 -10.38 -12.30
N ASN B 229 3.40 -11.23 -13.22
CA ASN B 229 4.66 -11.94 -13.06
CA ASN B 229 4.66 -11.94 -13.05
C ASN B 229 4.67 -12.76 -11.76
N VAL B 230 3.55 -13.40 -11.46
CA VAL B 230 3.41 -14.21 -10.25
C VAL B 230 3.42 -15.67 -10.64
N LYS B 231 4.37 -16.41 -10.08
CA LYS B 231 4.49 -17.86 -10.31
C LYS B 231 3.24 -18.54 -9.74
N PHE B 232 2.74 -19.55 -10.43
CA PHE B 232 1.47 -20.16 -10.04
C PHE B 232 1.58 -21.68 -9.99
N ARG B 233 1.15 -22.27 -8.87
CA ARG B 233 1.04 -23.71 -8.72
C ARG B 233 -0.37 -24.02 -8.25
N CYS B 234 -0.99 -25.05 -8.83
CA CYS B 234 -2.38 -25.40 -8.51
C CYS B 234 -2.49 -26.88 -8.13
N MET B 235 -3.18 -27.15 -7.03
CA MET B 235 -3.38 -28.52 -6.53
C MET B 235 -4.89 -28.74 -6.43
N ASP B 236 -5.38 -29.91 -6.83
CA ASP B 236 -6.83 -30.14 -6.82
C ASP B 236 -7.16 -31.57 -6.41
N ASN B 237 -8.44 -31.92 -6.58
CA ASN B 237 -8.93 -33.24 -6.18
C ASN B 237 -8.58 -33.62 -4.75
N LEU B 238 -8.87 -32.70 -3.84
CA LEU B 238 -8.59 -32.92 -2.41
C LEU B 238 -9.87 -32.71 -1.63
N SER B 239 -10.17 -33.64 -0.73
CA SER B 239 -11.24 -33.43 0.21
C SER B 239 -10.72 -32.51 1.32
N ARG B 240 -11.61 -32.04 2.19
CA ARG B 240 -11.20 -31.28 3.38
C ARG B 240 -10.09 -31.96 4.19
N ASP B 241 -10.26 -33.25 4.50
CA ASP B 241 -9.28 -33.94 5.35
C ASP B 241 -7.94 -34.13 4.63
N GLN B 242 -7.97 -34.43 3.34
CA GLN B 242 -6.73 -34.59 2.63
C GLN B 242 -5.98 -33.27 2.58
N PHE B 243 -6.72 -32.19 2.35
CA PHE B 243 -6.12 -30.86 2.28
C PHE B 243 -5.43 -30.51 3.61
N LEU B 244 -6.16 -30.70 4.71
CA LEU B 244 -5.62 -30.37 6.02
C LEU B 244 -4.43 -31.22 6.43
N GLN B 245 -4.33 -32.43 5.86
CA GLN B 245 -3.28 -33.35 6.24
C GLN B 245 -2.12 -33.36 5.24
N ARG B 246 -2.18 -32.45 4.27
CA ARG B 246 -1.15 -32.39 3.23
C ARG B 246 0.20 -32.10 3.84
N SER B 247 1.22 -32.80 3.38
CA SER B 247 2.58 -32.61 3.85
C SER B 247 2.97 -31.14 3.75
C1 NAG C . 28.35 13.08 -1.97
C2 NAG C . 28.39 12.63 -3.44
C3 NAG C . 29.02 13.65 -4.40
C4 NAG C . 28.54 15.07 -4.08
C5 NAG C . 28.65 15.33 -2.59
C6 NAG C . 28.23 16.75 -2.24
C7 NAG C . 28.55 10.25 -3.86
C8 NAG C . 29.46 9.05 -4.02
N2 NAG C . 29.14 11.39 -3.51
O3 NAG C . 28.74 13.32 -5.73
O4 NAG C . 29.39 15.96 -4.80
O5 NAG C . 27.86 14.41 -1.89
O6 NAG C . 26.85 16.87 -2.49
O7 NAG C . 27.35 10.17 -4.05
C1 NAG C . 28.61 16.92 -5.55
C2 NAG C . 29.44 18.19 -5.71
C3 NAG C . 28.82 19.21 -6.68
C4 NAG C . 28.16 18.57 -7.90
C5 NAG C . 27.39 17.31 -7.52
C6 NAG C . 26.85 16.60 -8.76
C7 NAG C . 30.88 18.52 -3.83
C8 NAG C . 31.07 19.02 -2.42
N2 NAG C . 29.74 18.81 -4.43
O3 NAG C . 29.84 20.08 -7.13
O4 NAG C . 27.25 19.50 -8.46
O5 NAG C . 28.22 16.42 -6.80
O6 NAG C . 27.80 15.66 -9.22
O7 NAG C . 31.76 17.86 -4.38
C1 NAG D . -18.23 -24.85 -1.66
C2 NAG D . -18.00 -25.23 -0.19
C3 NAG D . -19.26 -25.72 0.52
C4 NAG D . -20.49 -24.91 0.15
C5 NAG D . -20.59 -24.68 -1.36
C6 NAG D . -21.75 -23.78 -1.74
C7 NAG D . -15.81 -26.06 0.40
C8 NAG D . -14.81 -27.16 0.24
N2 NAG D . -17.03 -26.29 -0.07
O3 NAG D . -19.08 -25.72 1.92
O4 NAG D . -21.60 -25.64 0.66
O5 NAG D . -19.40 -24.08 -1.84
O6 NAG D . -21.66 -22.54 -1.08
O7 NAG D . -15.50 -25.01 0.96
C1 NAG D . -22.38 -24.77 1.50
C2 NAG D . -23.83 -25.30 1.54
C3 NAG D . -24.67 -24.68 2.66
C4 NAG D . -23.87 -24.54 3.96
C5 NAG D . -22.54 -23.84 3.68
C6 NAG D . -21.71 -23.61 4.94
C7 NAG D . -24.61 -26.21 -0.59
C8 NAG D . -25.39 -26.01 -1.85
N2 NAG D . -24.52 -25.18 0.25
O3 NAG D . -25.81 -25.49 2.88
O4 NAG D . -24.62 -23.79 4.90
O5 NAG D . -21.80 -24.63 2.78
O6 NAG D . -21.02 -24.79 5.27
O7 NAG D . -24.07 -27.31 -0.39
S SO4 E . -0.04 -2.28 -12.62
O1 SO4 E . 1.11 -1.40 -12.85
O2 SO4 E . -0.39 -2.26 -11.19
O3 SO4 E . -1.18 -1.83 -13.41
O4 SO4 E . 0.34 -3.62 -13.04
AS CAC F . -17.25 -12.91 -2.87
O1 CAC F . -16.53 -11.44 -3.45
O2 CAC F . -16.09 -14.22 -2.98
C1 CAC F . -17.83 -12.69 -1.01
C2 CAC F . -18.82 -13.32 -3.96
S SO4 G . -15.13 8.45 23.21
O1 SO4 G . -15.19 8.39 21.75
O2 SO4 G . -14.09 9.38 23.60
O3 SO4 G . -16.41 8.90 23.76
O4 SO4 G . -14.86 7.11 23.74
#